data_6K4T
#
_entry.id   6K4T
#
_cell.length_a   37.040
_cell.length_b   41.590
_cell.length_c   45.550
_cell.angle_alpha   108.60
_cell.angle_beta   102.75
_cell.angle_gamma   106.06
#
_symmetry.space_group_name_H-M   'P 1'
#
loop_
_entity.id
_entity.type
_entity.pdbx_description
1 polymer Metallo-beta-lactamase
2 non-polymer 'ZINC ION'
3 non-polymer '2-sulfanylbenzoic acid'
4 non-polymer 'SULFATE ION'
5 non-polymer 2-AMINO-2-HYDROXYMETHYL-PROPANE-1,3-DIOL
6 water water
#
_entity_poly.entity_id   1
_entity_poly.type   'polypeptide(L)'
_entity_poly.pdbx_seq_one_letter_code
;QDRDWSSPQQPFTIYGNTHYVGTGGISAVLLSSPQGHILVDGTTEKGAQVVAANIRAMGFKLSDVKYILSTHSHEDHAGG
ISAMQKLTGATVLAGAANVDTLRTGVSPKSDPQFGSLSNFPGSAKVRAVADGELVKLGPLAVKAHATPGHTEGGITWTWQ
SCEQGKCKDVVFADSLTAVSADSYRFSDHPEVVASLRGSFEAVEKLSCDIAIAAHPEVNDMWTRQQRAAKEGNSAYVDNG
ACRAIAAAGRKRLETRLASEKR
;
_entity_poly.pdbx_strand_id   A
#
# COMPACT_ATOMS: atom_id res chain seq x y z
N ARG A 3 -16.92 6.36 -2.94
CA ARG A 3 -15.62 5.65 -2.68
C ARG A 3 -14.78 5.62 -3.97
N ASP A 4 -14.76 6.74 -4.67
CA ASP A 4 -13.86 6.99 -5.82
CA ASP A 4 -13.86 6.91 -5.81
C ASP A 4 -12.43 7.11 -5.27
N TRP A 5 -11.45 6.87 -6.14
CA TRP A 5 -10.05 6.81 -5.72
C TRP A 5 -9.59 8.14 -5.13
N SER A 6 -10.25 9.23 -5.56
CA SER A 6 -9.85 10.58 -5.21
C SER A 6 -10.78 11.20 -4.17
N SER A 7 -11.75 10.45 -3.68
CA SER A 7 -12.86 11.01 -2.91
C SER A 7 -12.41 11.38 -1.50
N PRO A 8 -12.94 12.49 -0.95
CA PRO A 8 -12.77 12.79 0.47
C PRO A 8 -13.20 11.61 1.34
N GLN A 9 -12.54 11.50 2.49
CA GLN A 9 -12.83 10.48 3.50
C GLN A 9 -12.32 11.00 4.85
N GLN A 10 -13.22 11.07 5.82
CA GLN A 10 -12.86 11.61 7.12
C GLN A 10 -11.85 10.67 7.74
N PRO A 11 -10.64 11.14 8.13
CA PRO A 11 -9.62 10.22 8.64
C PRO A 11 -9.99 9.69 10.03
N PHE A 12 -9.35 8.59 10.40
CA PHE A 12 -9.68 7.91 11.62
C PHE A 12 -8.49 7.08 12.09
N THR A 13 -8.37 6.93 13.42
CA THR A 13 -7.36 6.10 14.02
C THR A 13 -7.82 4.66 14.02
N ILE A 14 -6.96 3.79 13.52
CA ILE A 14 -7.24 2.36 13.46
C ILE A 14 -6.72 1.71 14.75
N TYR A 15 -5.50 1.99 15.18
CA TYR A 15 -5.00 1.47 16.42
C TYR A 15 -3.76 2.26 16.84
N GLY A 16 -3.71 2.73 18.08
CA GLY A 16 -2.55 3.44 18.56
C GLY A 16 -2.20 4.61 17.68
N ASN A 17 -0.98 4.58 17.12
CA ASN A 17 -0.46 5.67 16.27
C ASN A 17 -0.60 5.35 14.77
N THR A 18 -1.47 4.39 14.42
CA THR A 18 -1.79 4.09 13.02
C THR A 18 -3.12 4.77 12.65
N HIS A 19 -3.05 5.70 11.69
CA HIS A 19 -4.23 6.49 11.28
C HIS A 19 -4.49 6.28 9.79
N TYR A 20 -5.74 6.04 9.42
CA TYR A 20 -6.16 6.05 8.04
C TYR A 20 -6.33 7.51 7.60
N VAL A 21 -5.62 7.89 6.54
CA VAL A 21 -5.65 9.26 6.01
C VAL A 21 -5.87 9.25 4.49
N GLY A 22 -6.28 8.11 3.94
CA GLY A 22 -6.52 7.98 2.51
C GLY A 22 -7.86 8.52 2.06
N THR A 23 -8.19 8.19 0.82
CA THR A 23 -9.43 8.58 0.18
C THR A 23 -10.49 7.53 0.47
N GLY A 24 -11.69 7.78 -0.06
CA GLY A 24 -12.79 6.81 0.03
C GLY A 24 -12.43 5.48 -0.60
N GLY A 25 -11.55 5.50 -1.60
CA GLY A 25 -11.29 4.33 -2.43
C GLY A 25 -9.86 3.79 -2.40
N ILE A 26 -8.91 4.57 -1.87
CA ILE A 26 -7.50 4.16 -1.84
C ILE A 26 -6.94 4.40 -0.45
N SER A 27 -6.29 3.38 0.13
CA SER A 27 -5.70 3.51 1.45
C SER A 27 -4.46 4.40 1.42
N ALA A 28 -4.32 5.21 2.47
CA ALA A 28 -3.07 5.79 2.85
C ALA A 28 -3.07 5.81 4.38
N VAL A 29 -1.90 5.59 4.97
CA VAL A 29 -1.78 5.49 6.42
C VAL A 29 -0.69 6.47 6.89
N LEU A 30 -1.01 7.18 7.98
CA LEU A 30 -0.02 7.94 8.71
C LEU A 30 0.33 7.20 10.00
N LEU A 31 1.63 6.90 10.15
CA LEU A 31 2.16 6.31 11.34
C LEU A 31 2.87 7.43 12.10
N SER A 32 2.32 7.87 13.23
CA SER A 32 2.71 9.12 13.84
C SER A 32 3.65 8.92 15.04
N SER A 33 4.46 9.95 15.30
CA SER A 33 5.24 9.98 16.52
C SER A 33 5.52 11.42 16.91
N PRO A 34 5.87 11.71 18.19
CA PRO A 34 6.29 13.05 18.55
C PRO A 34 7.57 13.53 17.84
N GLN A 35 8.33 12.63 17.20
CA GLN A 35 9.60 12.97 16.54
C GLN A 35 9.42 13.03 15.02
N GLY A 36 8.19 12.84 14.54
CA GLY A 36 7.93 12.82 13.11
C GLY A 36 7.20 11.57 12.66
N HIS A 37 6.72 11.63 11.41
CA HIS A 37 5.74 10.67 10.92
C HIS A 37 6.20 10.00 9.63
N ILE A 38 5.61 8.84 9.38
CA ILE A 38 5.75 8.10 8.13
C ILE A 38 4.37 8.01 7.46
N LEU A 39 4.31 8.35 6.18
CA LEU A 39 3.10 8.21 5.35
C LEU A 39 3.27 7.01 4.42
N VAL A 40 2.28 6.12 4.37
CA VAL A 40 2.24 5.05 3.43
C VAL A 40 1.24 5.39 2.35
N ASP A 41 1.79 5.55 1.13
CA ASP A 41 1.11 5.79 -0.15
C ASP A 41 0.58 7.24 -0.22
N GLY A 42 0.23 7.67 -1.44
CA GLY A 42 -0.23 9.03 -1.71
C GLY A 42 -1.61 9.12 -2.33
N THR A 43 -2.21 7.97 -2.66
CA THR A 43 -3.46 7.91 -3.47
C THR A 43 -3.19 8.55 -4.84
N THR A 44 -4.23 9.14 -5.44
CA THR A 44 -4.14 9.72 -6.77
C THR A 44 -3.56 11.14 -6.68
N GLU A 45 -3.26 11.73 -7.84
CA GLU A 45 -2.83 13.12 -7.93
C GLU A 45 -3.88 14.03 -7.26
N LYS A 46 -5.16 13.88 -7.62
CA LYS A 46 -6.21 14.69 -7.01
C LYS A 46 -6.30 14.35 -5.52
N GLY A 47 -6.10 13.07 -5.18
CA GLY A 47 -6.23 12.60 -3.83
C GLY A 47 -5.16 13.17 -2.90
N ALA A 48 -4.01 13.60 -3.42
CA ALA A 48 -3.00 14.23 -2.56
C ALA A 48 -3.62 15.32 -1.69
N GLN A 49 -4.56 16.10 -2.24
CA GLN A 49 -5.13 17.21 -1.50
C GLN A 49 -6.00 16.70 -0.35
N VAL A 50 -6.65 15.54 -0.56
CA VAL A 50 -7.44 14.85 0.48
C VAL A 50 -6.49 14.31 1.57
N VAL A 51 -5.39 13.65 1.18
CA VAL A 51 -4.44 13.11 2.15
C VAL A 51 -3.86 14.23 3.01
N ALA A 52 -3.45 15.33 2.37
CA ALA A 52 -2.85 16.44 3.09
C ALA A 52 -3.82 17.00 4.14
N ALA A 53 -5.06 17.27 3.72
CA ALA A 53 -6.05 17.83 4.61
C ALA A 53 -6.33 16.84 5.75
N ASN A 54 -6.35 15.55 5.43
CA ASN A 54 -6.63 14.48 6.41
C ASN A 54 -5.54 14.43 7.48
N ILE A 55 -4.28 14.50 7.06
CA ILE A 55 -3.15 14.53 8.02
C ILE A 55 -3.33 15.71 8.98
N ARG A 56 -3.64 16.89 8.43
CA ARG A 56 -3.85 18.05 9.28
C ARG A 56 -5.07 17.85 10.19
N ALA A 57 -6.13 17.22 9.69
CA ALA A 57 -7.34 16.97 10.50
C ALA A 57 -7.02 16.05 11.69
N MET A 58 -5.99 15.21 11.56
CA MET A 58 -5.60 14.34 12.66
C MET A 58 -4.62 15.07 13.60
N GLY A 59 -4.35 16.34 13.35
CA GLY A 59 -3.60 17.20 14.27
C GLY A 59 -2.12 17.25 13.97
N PHE A 60 -1.70 16.78 12.79
CA PHE A 60 -0.29 16.67 12.44
C PHE A 60 0.10 17.71 11.41
N LYS A 61 1.41 18.01 11.37
CA LYS A 61 1.98 18.96 10.40
C LYS A 61 2.63 18.20 9.24
N LEU A 62 2.35 18.64 8.02
CA LEU A 62 2.95 18.01 6.84
C LEU A 62 4.48 18.02 6.93
N SER A 63 5.05 19.08 7.50
CA SER A 63 6.52 19.24 7.54
C SER A 63 7.17 18.17 8.43
N ASP A 64 6.35 17.55 9.29
CA ASP A 64 6.85 16.50 10.17
C ASP A 64 6.79 15.11 9.55
N VAL A 65 6.24 14.98 8.33
CA VAL A 65 6.26 13.70 7.62
C VAL A 65 7.65 13.53 6.99
N LYS A 66 8.40 12.52 7.42
CA LYS A 66 9.81 12.42 7.03
C LYS A 66 10.06 11.40 5.92
N TYR A 67 9.20 10.39 5.86
CA TYR A 67 9.25 9.35 4.83
C TYR A 67 7.86 9.13 4.24
N ILE A 68 7.80 8.91 2.93
CA ILE A 68 6.64 8.40 2.22
C ILE A 68 7.02 7.04 1.64
N LEU A 69 6.30 6.00 2.07
CA LEU A 69 6.53 4.63 1.65
C LEU A 69 5.55 4.29 0.54
N SER A 70 6.05 3.67 -0.53
CA SER A 70 5.23 3.30 -1.67
C SER A 70 5.01 1.79 -1.69
N THR A 71 3.75 1.37 -1.81
CA THR A 71 3.44 -0.04 -2.09
C THR A 71 3.82 -0.38 -3.54
N HIS A 72 3.13 0.22 -4.52
CA HIS A 72 3.54 0.07 -5.88
C HIS A 72 3.17 1.29 -6.72
N SER A 73 3.80 1.31 -7.90
CA SER A 73 3.90 2.50 -8.73
C SER A 73 2.82 2.50 -9.83
N HIS A 74 1.54 2.49 -9.43
CA HIS A 74 0.43 2.84 -10.34
C HIS A 74 -0.24 4.13 -9.86
N GLU A 75 -0.94 4.79 -10.79
CA GLU A 75 -1.48 6.13 -10.54
C GLU A 75 -2.39 6.16 -9.30
N ASP A 76 -3.09 5.06 -8.99
CA ASP A 76 -4.10 5.11 -7.94
C ASP A 76 -3.47 5.14 -6.55
N HIS A 77 -2.28 4.55 -6.38
CA HIS A 77 -1.57 4.49 -5.08
C HIS A 77 -0.49 5.58 -5.00
N ALA A 78 0.16 5.84 -6.13
CA ALA A 78 1.39 6.60 -6.20
C ALA A 78 1.17 7.98 -6.85
N GLY A 79 0.00 8.21 -7.47
CA GLY A 79 -0.24 9.44 -8.20
C GLY A 79 -0.08 10.70 -7.35
N GLY A 80 -0.42 10.60 -6.05
CA GLY A 80 -0.32 11.69 -5.12
C GLY A 80 1.05 11.82 -4.45
N ILE A 81 1.96 10.85 -4.66
CA ILE A 81 3.20 10.87 -3.89
C ILE A 81 4.00 12.14 -4.22
N SER A 82 4.12 12.50 -5.51
CA SER A 82 4.95 13.63 -5.89
C SER A 82 4.52 14.90 -5.13
N ALA A 83 3.21 15.17 -5.17
CA ALA A 83 2.67 16.34 -4.50
C ALA A 83 2.92 16.28 -2.99
N MET A 84 2.72 15.11 -2.39
CA MET A 84 2.94 14.94 -0.96
C MET A 84 4.43 15.11 -0.63
N GLN A 85 5.32 14.64 -1.52
CA GLN A 85 6.78 14.83 -1.35
C GLN A 85 7.11 16.33 -1.29
N LYS A 86 6.55 17.12 -2.20
CA LYS A 86 6.85 18.54 -2.22
C LYS A 86 6.29 19.24 -0.98
N LEU A 87 5.10 18.85 -0.52
CA LEU A 87 4.46 19.50 0.64
C LEU A 87 5.18 19.18 1.94
N THR A 88 5.85 18.02 2.01
CA THR A 88 6.39 17.52 3.25
C THR A 88 7.91 17.69 3.34
N GLY A 89 8.59 17.58 2.19
CA GLY A 89 10.05 17.45 2.16
C GLY A 89 10.52 16.02 2.38
N ALA A 90 9.59 15.06 2.46
CA ALA A 90 9.91 13.66 2.81
C ALA A 90 10.76 13.01 1.74
N THR A 91 11.47 11.96 2.15
CA THR A 91 12.08 11.01 1.25
C THR A 91 11.09 9.91 0.90
N VAL A 92 11.04 9.54 -0.39
CA VAL A 92 10.13 8.48 -0.88
C VAL A 92 10.93 7.19 -0.96
N LEU A 93 10.43 6.12 -0.33
CA LEU A 93 11.10 4.84 -0.32
C LEU A 93 10.25 3.80 -1.06
N ALA A 94 10.90 2.94 -1.83
CA ALA A 94 10.22 2.00 -2.69
C ALA A 94 11.11 0.81 -2.99
N GLY A 95 10.50 -0.28 -3.42
CA GLY A 95 11.25 -1.40 -3.96
C GLY A 95 12.09 -0.97 -5.14
N ALA A 96 13.25 -1.60 -5.28
CA ALA A 96 14.29 -1.16 -6.20
C ALA A 96 13.73 -1.02 -7.61
N ALA A 97 12.95 -2.01 -8.05
CA ALA A 97 12.51 -2.05 -9.47
C ALA A 97 11.38 -1.04 -9.74
N ASN A 98 10.80 -0.40 -8.73
CA ASN A 98 9.76 0.59 -8.96
C ASN A 98 10.33 2.03 -8.83
N VAL A 99 11.59 2.17 -8.42
CA VAL A 99 12.13 3.50 -8.19
C VAL A 99 11.98 4.36 -9.46
N ASP A 100 12.42 3.83 -10.60
CA ASP A 100 12.42 4.59 -11.83
CA ASP A 100 12.43 4.62 -11.84
C ASP A 100 11.00 5.01 -12.22
N THR A 101 10.03 4.12 -11.99
CA THR A 101 8.65 4.42 -12.28
C THR A 101 8.14 5.57 -11.42
N LEU A 102 8.49 5.58 -10.14
CA LEU A 102 8.04 6.65 -9.27
C LEU A 102 8.68 7.98 -9.70
N ARG A 103 9.94 7.91 -10.18
CA ARG A 103 10.63 9.12 -10.62
C ARG A 103 10.01 9.71 -11.88
N THR A 104 9.59 8.87 -12.83
CA THR A 104 9.14 9.32 -14.12
C THR A 104 7.61 9.39 -14.20
N GLY A 105 6.92 8.56 -13.40
CA GLY A 105 5.48 8.38 -13.46
C GLY A 105 5.02 7.52 -14.63
N VAL A 106 5.94 6.75 -15.22
CA VAL A 106 5.66 5.89 -16.37
C VAL A 106 6.07 4.44 -16.02
N SER A 107 5.10 3.54 -16.08
CA SER A 107 5.36 2.13 -15.79
C SER A 107 6.04 1.48 -16.98
N PRO A 108 6.98 0.55 -16.76
CA PRO A 108 7.74 -0.07 -17.85
C PRO A 108 7.05 -1.31 -18.41
N LYS A 109 7.64 -1.83 -19.49
CA LYS A 109 6.99 -2.87 -20.32
C LYS A 109 6.92 -4.20 -19.60
N SER A 110 7.69 -4.37 -18.53
CA SER A 110 7.61 -5.57 -17.70
C SER A 110 6.28 -5.65 -16.96
N ASP A 111 5.60 -4.51 -16.77
CA ASP A 111 4.34 -4.48 -16.03
C ASP A 111 3.25 -5.17 -16.85
N PRO A 112 2.55 -6.19 -16.31
CA PRO A 112 1.47 -6.83 -17.07
C PRO A 112 0.45 -5.86 -17.69
N GLN A 113 0.21 -4.71 -17.03
CA GLN A 113 -0.76 -3.73 -17.51
C GLN A 113 -0.15 -2.78 -18.54
N PHE A 114 1.14 -2.91 -18.85
CA PHE A 114 1.76 -2.02 -19.80
C PHE A 114 0.99 -2.03 -21.12
N GLY A 115 0.64 -0.82 -21.57
CA GLY A 115 -0.22 -0.56 -22.72
C GLY A 115 -1.55 0.02 -22.29
N SER A 116 -1.91 -0.15 -21.01
CA SER A 116 -3.23 0.18 -20.53
CA SER A 116 -3.22 0.20 -20.55
C SER A 116 -3.15 1.10 -19.31
N LEU A 117 -1.92 1.48 -18.90
CA LEU A 117 -1.77 2.29 -17.70
C LEU A 117 -1.76 3.78 -18.05
N SER A 118 -2.22 4.60 -17.09
CA SER A 118 -2.14 6.04 -17.19
C SER A 118 -0.90 6.53 -16.42
N ASN A 119 -0.16 7.48 -17.00
CA ASN A 119 0.98 8.06 -16.34
C ASN A 119 0.53 8.91 -15.15
N PHE A 120 1.47 9.19 -14.25
CA PHE A 120 1.18 10.03 -13.10
C PHE A 120 2.40 10.92 -12.85
N PRO A 121 2.30 11.92 -11.94
CA PRO A 121 3.41 12.87 -11.78
C PRO A 121 4.63 12.20 -11.16
N GLY A 122 5.80 12.42 -11.76
CA GLY A 122 7.04 11.93 -11.22
C GLY A 122 7.41 12.60 -9.91
N SER A 123 8.06 11.85 -9.02
CA SER A 123 8.43 12.37 -7.70
CA SER A 123 8.45 12.31 -7.68
C SER A 123 9.95 12.65 -7.65
N ALA A 124 10.32 13.61 -6.80
CA ALA A 124 11.70 13.80 -6.38
C ALA A 124 12.02 12.90 -5.18
N LYS A 125 13.31 12.70 -4.90
CA LYS A 125 13.83 12.14 -3.65
C LYS A 125 13.34 10.70 -3.45
N VAL A 126 13.41 9.89 -4.50
CA VAL A 126 13.05 8.50 -4.42
C VAL A 126 14.31 7.68 -4.16
N ARG A 127 14.24 6.77 -3.19
CA ARG A 127 15.34 5.88 -2.85
C ARG A 127 14.79 4.46 -2.70
N ALA A 128 15.67 3.48 -2.92
CA ALA A 128 15.30 2.07 -2.84
C ALA A 128 15.47 1.53 -1.42
N VAL A 129 14.65 0.52 -1.09
CA VAL A 129 14.82 -0.32 0.08
C VAL A 129 14.81 -1.77 -0.38
N ALA A 130 15.47 -2.66 0.38
CA ALA A 130 15.58 -4.07 0.10
C ALA A 130 14.53 -4.84 0.92
N ASP A 131 14.30 -6.07 0.47
CA ASP A 131 13.51 -7.03 1.23
C ASP A 131 14.09 -7.14 2.64
N GLY A 132 13.20 -7.06 3.63
CA GLY A 132 13.56 -7.24 5.03
C GLY A 132 14.11 -5.98 5.70
N GLU A 133 14.30 -4.90 4.93
CA GLU A 133 14.97 -3.70 5.46
C GLU A 133 14.06 -2.95 6.44
N LEU A 134 14.66 -2.38 7.49
CA LEU A 134 13.98 -1.54 8.47
C LEU A 134 14.14 -0.07 8.11
N VAL A 135 13.02 0.64 8.10
CA VAL A 135 12.94 2.09 8.01
C VAL A 135 12.68 2.62 9.43
N LYS A 136 13.61 3.41 9.97
CA LYS A 136 13.47 3.90 11.32
C LYS A 136 13.32 5.41 11.33
N LEU A 137 12.46 5.87 12.24
CA LEU A 137 12.32 7.30 12.45
C LEU A 137 11.92 7.52 13.91
N GLY A 138 12.84 8.05 14.72
CA GLY A 138 12.58 8.11 16.14
C GLY A 138 12.18 6.74 16.66
N PRO A 139 11.02 6.59 17.35
CA PRO A 139 10.59 5.29 17.86
C PRO A 139 9.91 4.39 16.82
N LEU A 140 9.73 4.88 15.61
CA LEU A 140 9.03 4.12 14.57
C LEU A 140 10.00 3.16 13.90
N ALA A 141 9.51 1.95 13.60
CA ALA A 141 10.26 0.96 12.88
C ALA A 141 9.34 0.19 11.93
N VAL A 142 9.51 0.44 10.64
CA VAL A 142 8.71 -0.14 9.61
C VAL A 142 9.57 -1.07 8.75
N LYS A 143 9.09 -2.30 8.53
CA LYS A 143 9.83 -3.28 7.77
C LYS A 143 9.26 -3.38 6.34
N ALA A 144 10.16 -3.38 5.36
CA ALA A 144 9.86 -3.64 3.96
C ALA A 144 9.86 -5.13 3.68
N HIS A 145 8.80 -5.62 3.04
CA HIS A 145 8.72 -7.00 2.54
C HIS A 145 8.50 -6.97 1.03
N ALA A 146 9.42 -7.53 0.25
CA ALA A 146 9.24 -7.58 -1.17
C ALA A 146 8.02 -8.46 -1.48
N THR A 147 7.06 -7.89 -2.21
CA THR A 147 5.88 -8.62 -2.64
C THR A 147 5.64 -8.32 -4.12
N PRO A 148 6.55 -8.75 -5.00
CA PRO A 148 6.45 -8.49 -6.42
C PRO A 148 5.34 -9.32 -7.09
N GLY A 149 5.02 -8.93 -8.31
CA GLY A 149 4.10 -9.69 -9.13
C GLY A 149 3.14 -8.80 -9.87
N HIS A 150 2.40 -8.01 -9.10
CA HIS A 150 1.57 -6.92 -9.64
C HIS A 150 2.46 -5.86 -10.27
N THR A 151 3.60 -5.60 -9.60
CA THR A 151 4.73 -4.80 -10.15
C THR A 151 6.01 -5.46 -9.66
N GLU A 152 7.14 -5.17 -10.32
CA GLU A 152 8.36 -5.84 -9.92
C GLU A 152 8.82 -5.31 -8.55
N GLY A 153 8.56 -4.03 -8.26
CA GLY A 153 9.08 -3.40 -7.03
C GLY A 153 8.08 -3.27 -5.90
N GLY A 154 7.00 -4.07 -5.93
CA GLY A 154 5.96 -3.98 -4.88
C GLY A 154 6.52 -4.29 -3.51
N ILE A 155 6.12 -3.47 -2.53
CA ILE A 155 6.50 -3.66 -1.14
C ILE A 155 5.23 -3.67 -0.29
N THR A 156 5.19 -4.62 0.64
CA THR A 156 4.24 -4.68 1.73
C THR A 156 4.99 -4.25 2.99
N TRP A 157 4.38 -3.37 3.79
CA TRP A 157 5.07 -2.67 4.89
C TRP A 157 4.45 -3.08 6.21
N THR A 158 5.28 -3.35 7.23
CA THR A 158 4.75 -3.85 8.51
C THR A 158 5.35 -3.09 9.69
N TRP A 159 4.59 -3.01 10.77
CA TRP A 159 5.05 -2.36 11.96
C TRP A 159 4.21 -2.82 13.14
N GLN A 160 4.53 -2.30 14.33
CA GLN A 160 3.74 -2.57 15.52
CA GLN A 160 3.78 -2.57 15.55
C GLN A 160 3.23 -1.25 16.09
N SER A 161 1.93 -1.22 16.41
CA SER A 161 1.34 -0.07 17.08
C SER A 161 0.77 -0.53 18.42
N CYS A 162 0.83 0.33 19.44
CA CYS A 162 0.50 -0.06 20.80
C CYS A 162 -0.39 1.00 21.43
N GLU A 163 -1.22 0.53 22.37
CA GLU A 163 -2.03 1.39 23.24
C GLU A 163 -1.81 0.94 24.69
N GLN A 164 -1.14 1.78 25.48
CA GLN A 164 -0.88 1.45 26.88
C GLN A 164 -0.25 0.05 26.99
N GLY A 165 0.67 -0.25 26.07
CA GLY A 165 1.47 -1.44 26.15
C GLY A 165 0.79 -2.66 25.58
N LYS A 166 -0.44 -2.51 25.05
CA LYS A 166 -1.11 -3.59 24.34
C LYS A 166 -0.89 -3.39 22.84
N CYS A 167 -0.12 -4.29 22.21
CA CYS A 167 0.44 -4.06 20.88
C CYS A 167 -0.16 -5.00 19.86
N LYS A 168 -0.21 -4.51 18.61
CA LYS A 168 -0.71 -5.25 17.47
C LYS A 168 0.27 -5.10 16.31
N ASP A 169 0.35 -6.17 15.51
CA ASP A 169 1.12 -6.19 14.27
C ASP A 169 0.24 -5.71 13.12
N VAL A 170 0.64 -4.60 12.51
CA VAL A 170 -0.08 -3.95 11.43
C VAL A 170 0.67 -4.20 10.12
N VAL A 171 -0.11 -4.46 9.08
CA VAL A 171 0.39 -4.78 7.75
C VAL A 171 -0.31 -3.86 6.76
N PHE A 172 0.45 -3.06 6.00
CA PHE A 172 -0.10 -2.32 4.86
C PHE A 172 0.19 -3.19 3.63
N ALA A 173 -0.84 -3.86 3.16
CA ALA A 173 -0.70 -4.94 2.20
C ALA A 173 -0.72 -4.37 0.79
N ASP A 174 0.37 -4.58 0.04
CA ASP A 174 0.40 -4.27 -1.38
C ASP A 174 -0.59 -5.18 -2.12
N SER A 175 -0.99 -4.72 -3.29
CA SER A 175 -1.82 -5.50 -4.20
CA SER A 175 -1.83 -5.50 -4.21
C SER A 175 -1.08 -6.74 -4.69
N LEU A 176 -1.77 -7.88 -4.72
CA LEU A 176 -1.24 -9.14 -5.17
C LEU A 176 -2.00 -9.64 -6.41
N THR A 177 -2.57 -8.73 -7.18
CA THR A 177 -3.54 -9.06 -8.20
C THR A 177 -2.90 -9.23 -9.58
N ALA A 178 -3.27 -10.33 -10.24
CA ALA A 178 -2.99 -10.61 -11.64
C ALA A 178 -4.02 -9.89 -12.50
N VAL A 179 -3.58 -8.81 -13.14
CA VAL A 179 -4.40 -8.00 -14.05
C VAL A 179 -3.48 -7.56 -15.18
N SER A 180 -4.01 -7.37 -16.38
CA SER A 180 -3.12 -7.08 -17.51
C SER A 180 -3.85 -6.34 -18.63
N ALA A 181 -3.06 -5.86 -19.58
CA ALA A 181 -3.54 -5.48 -20.89
C ALA A 181 -4.05 -6.72 -21.63
N ASP A 182 -4.92 -6.47 -22.61
CA ASP A 182 -5.50 -7.50 -23.43
C ASP A 182 -4.40 -8.29 -24.15
N SER A 183 -3.27 -7.63 -24.46
CA SER A 183 -2.20 -8.23 -25.27
C SER A 183 -1.25 -9.08 -24.43
N TYR A 184 -1.51 -9.23 -23.11
CA TYR A 184 -0.58 -9.90 -22.19
C TYR A 184 -1.07 -11.30 -21.78
N ARG A 185 -0.16 -12.29 -21.86
CA ARG A 185 -0.42 -13.65 -21.42
C ARG A 185 0.48 -13.98 -20.23
N PHE A 186 -0.14 -14.16 -19.07
CA PHE A 186 0.61 -14.47 -17.87
C PHE A 186 1.39 -15.76 -18.07
N SER A 187 0.78 -16.75 -18.77
CA SER A 187 1.38 -18.06 -18.97
C SER A 187 2.68 -17.96 -19.79
N ASP A 188 2.93 -16.82 -20.43
CA ASP A 188 4.16 -16.64 -21.20
C ASP A 188 5.25 -15.94 -20.35
N HIS A 189 4.92 -15.57 -19.12
CA HIS A 189 5.80 -14.74 -18.32
C HIS A 189 6.11 -15.40 -16.99
N PRO A 190 7.06 -16.37 -16.97
CA PRO A 190 7.26 -17.17 -15.77
C PRO A 190 7.78 -16.37 -14.56
N GLU A 191 8.51 -15.28 -14.82
CA GLU A 191 9.04 -14.48 -13.72
C GLU A 191 7.89 -13.82 -12.94
N VAL A 192 6.88 -13.31 -13.65
CA VAL A 192 5.74 -12.66 -13.01
C VAL A 192 4.94 -13.71 -12.23
N VAL A 193 4.66 -14.87 -12.85
CA VAL A 193 3.92 -15.92 -12.16
C VAL A 193 4.67 -16.36 -10.88
N ALA A 194 5.99 -16.59 -11.01
CA ALA A 194 6.78 -17.01 -9.85
C ALA A 194 6.78 -15.93 -8.77
N SER A 195 6.88 -14.67 -9.18
CA SER A 195 6.89 -13.56 -8.23
C SER A 195 5.57 -13.50 -7.45
N LEU A 196 4.45 -13.58 -8.17
CA LEU A 196 3.15 -13.56 -7.54
C LEU A 196 3.04 -14.69 -6.52
N ARG A 197 3.45 -15.90 -6.93
CA ARG A 197 3.33 -17.06 -6.05
C ARG A 197 4.20 -16.90 -4.80
N GLY A 198 5.44 -16.41 -4.96
CA GLY A 198 6.28 -16.14 -3.81
C GLY A 198 5.66 -15.12 -2.87
N SER A 199 4.97 -14.12 -3.45
CA SER A 199 4.34 -13.07 -2.68
C SER A 199 3.14 -13.60 -1.88
N PHE A 200 2.33 -14.47 -2.48
CA PHE A 200 1.22 -15.05 -1.74
C PHE A 200 1.78 -15.76 -0.50
N GLU A 201 2.85 -16.53 -0.70
CA GLU A 201 3.48 -17.29 0.38
C GLU A 201 4.03 -16.34 1.44
N ALA A 202 4.68 -15.25 1.03
CA ALA A 202 5.25 -14.33 2.03
C ALA A 202 4.11 -13.72 2.85
N VAL A 203 3.04 -13.28 2.18
CA VAL A 203 2.02 -12.51 2.86
C VAL A 203 1.22 -13.41 3.81
N GLU A 204 0.95 -14.65 3.39
CA GLU A 204 0.19 -15.57 4.27
C GLU A 204 1.06 -16.01 5.46
N LYS A 205 2.35 -15.69 5.49
CA LYS A 205 3.21 -16.02 6.66
C LYS A 205 3.42 -14.82 7.60
N LEU A 206 3.01 -13.62 7.18
CA LEU A 206 3.30 -12.42 7.98
C LEU A 206 2.54 -12.50 9.31
N SER A 207 3.19 -12.01 10.37
CA SER A 207 2.49 -11.61 11.59
CA SER A 207 2.46 -11.65 11.56
C SER A 207 1.54 -10.46 11.23
N CYS A 208 0.23 -10.66 11.46
CA CYS A 208 -0.76 -9.82 10.78
C CYS A 208 -2.04 -9.68 11.61
N ASP A 209 -2.01 -8.86 12.67
CA ASP A 209 -3.23 -8.62 13.46
C ASP A 209 -4.21 -7.68 12.75
N ILE A 210 -3.67 -6.63 12.13
CA ILE A 210 -4.47 -5.62 11.44
C ILE A 210 -3.90 -5.49 10.04
N ALA A 211 -4.69 -5.86 9.03
CA ALA A 211 -4.30 -5.67 7.62
C ALA A 211 -5.05 -4.47 7.05
N ILE A 212 -4.32 -3.54 6.47
CA ILE A 212 -4.88 -2.45 5.72
C ILE A 212 -4.44 -2.68 4.28
N ALA A 213 -5.38 -3.01 3.40
CA ALA A 213 -5.04 -3.33 2.01
C ALA A 213 -5.03 -2.04 1.18
N ALA A 214 -4.11 -1.99 0.20
CA ALA A 214 -3.94 -0.78 -0.62
C ALA A 214 -5.28 -0.33 -1.23
N HIS A 215 -6.06 -1.29 -1.74
CA HIS A 215 -7.48 -1.11 -2.00
C HIS A 215 -8.24 -1.51 -0.75
N PRO A 216 -8.80 -0.56 0.03
CA PRO A 216 -9.21 -0.85 1.40
C PRO A 216 -10.28 -1.95 1.46
N GLU A 217 -11.11 -2.07 0.43
CA GLU A 217 -12.21 -3.04 0.48
C GLU A 217 -11.70 -4.48 0.37
N VAL A 218 -10.44 -4.64 -0.02
CA VAL A 218 -9.84 -5.95 -0.11
C VAL A 218 -9.91 -6.67 1.24
N ASN A 219 -9.76 -5.92 2.34
CA ASN A 219 -9.96 -6.47 3.69
C ASN A 219 -11.15 -5.80 4.37
N ASP A 220 -12.18 -5.49 3.58
CA ASP A 220 -13.48 -5.07 4.09
C ASP A 220 -13.38 -3.87 5.04
N MET A 221 -12.54 -2.86 4.70
CA MET A 221 -12.31 -1.72 5.57
C MET A 221 -13.63 -1.06 5.99
N TRP A 222 -14.55 -0.85 5.04
CA TRP A 222 -15.72 -0.01 5.34
C TRP A 222 -16.75 -0.78 6.19
N THR A 223 -16.89 -2.07 5.93
CA THR A 223 -17.67 -2.91 6.83
C THR A 223 -17.06 -2.90 8.24
N ARG A 224 -15.74 -3.00 8.33
CA ARG A 224 -15.07 -3.01 9.61
C ARG A 224 -15.26 -1.66 10.32
N GLN A 225 -15.16 -0.57 9.58
CA GLN A 225 -15.32 0.74 10.22
C GLN A 225 -16.74 0.84 10.81
N GLN A 226 -17.74 0.35 10.06
CA GLN A 226 -19.13 0.39 10.51
C GLN A 226 -19.25 -0.45 11.78
N ARG A 227 -18.63 -1.63 11.79
CA ARG A 227 -18.59 -2.47 13.00
C ARG A 227 -17.93 -1.74 14.16
N ALA A 228 -16.86 -0.97 13.87
CA ALA A 228 -16.08 -0.34 14.93
C ALA A 228 -16.92 0.69 15.70
N ALA A 229 -17.94 1.27 15.07
CA ALA A 229 -18.80 2.28 15.75
C ALA A 229 -19.30 1.75 17.10
N LYS A 230 -19.63 0.47 17.17
CA LYS A 230 -20.06 -0.12 18.45
C LYS A 230 -18.99 -1.05 19.02
N GLU A 231 -18.26 -1.77 18.15
CA GLU A 231 -17.33 -2.79 18.55
CA GLU A 231 -17.32 -2.80 18.57
C GLU A 231 -16.05 -2.16 19.15
N GLY A 232 -15.75 -0.93 18.72
CA GLY A 232 -14.41 -0.32 18.87
C GLY A 232 -13.40 -0.88 17.87
N ASN A 233 -12.12 -0.58 18.09
CA ASN A 233 -11.11 -0.74 17.05
C ASN A 233 -10.73 -2.22 16.92
N SER A 234 -11.25 -3.07 17.81
CA SER A 234 -11.11 -4.48 17.58
C SER A 234 -11.77 -4.91 16.26
N ALA A 235 -12.69 -4.12 15.71
CA ALA A 235 -13.33 -4.44 14.41
C ALA A 235 -12.29 -4.54 13.29
N TYR A 236 -11.15 -3.84 13.40
CA TYR A 236 -10.08 -3.85 12.40
C TYR A 236 -9.16 -5.06 12.58
N VAL A 237 -9.20 -5.70 13.75
CA VAL A 237 -8.35 -6.80 14.09
C VAL A 237 -8.91 -8.11 13.52
N ASP A 238 -8.05 -8.86 12.84
CA ASP A 238 -8.40 -10.16 12.29
C ASP A 238 -7.10 -10.78 11.81
N ASN A 239 -6.55 -11.69 12.61
CA ASN A 239 -5.20 -12.16 12.37
C ASN A 239 -5.18 -13.16 11.21
N GLY A 240 -6.33 -13.41 10.60
CA GLY A 240 -6.38 -14.19 9.33
C GLY A 240 -6.36 -13.34 8.06
N ALA A 241 -6.37 -12.02 8.20
CA ALA A 241 -6.65 -11.15 7.06
C ALA A 241 -5.56 -11.26 5.98
N CYS A 242 -4.29 -11.34 6.37
CA CYS A 242 -3.22 -11.46 5.39
C CYS A 242 -3.32 -12.81 4.67
N ARG A 243 -3.65 -13.89 5.41
CA ARG A 243 -3.88 -15.16 4.78
C ARG A 243 -5.01 -15.06 3.75
N ALA A 244 -6.03 -14.26 4.06
CA ALA A 244 -7.17 -14.16 3.15
C ALA A 244 -6.80 -13.33 1.91
N ILE A 245 -6.04 -12.24 2.08
CA ILE A 245 -5.60 -11.44 0.95
C ILE A 245 -4.74 -12.29 0.02
N ALA A 246 -3.83 -13.07 0.61
CA ALA A 246 -3.01 -13.99 -0.18
C ALA A 246 -3.86 -15.04 -0.91
N ALA A 247 -4.85 -15.62 -0.24
CA ALA A 247 -5.68 -16.66 -0.87
C ALA A 247 -6.45 -16.07 -2.05
N ALA A 248 -6.93 -14.84 -1.91
CA ALA A 248 -7.67 -14.20 -3.00
C ALA A 248 -6.72 -13.90 -4.17
N GLY A 249 -5.47 -13.56 -3.88
CA GLY A 249 -4.46 -13.38 -4.92
C GLY A 249 -4.24 -14.66 -5.69
N ARG A 250 -4.07 -15.75 -4.95
CA ARG A 250 -3.84 -17.04 -5.53
C ARG A 250 -5.03 -17.43 -6.40
N LYS A 251 -6.25 -17.25 -5.90
CA LYS A 251 -7.44 -17.61 -6.65
C LYS A 251 -7.51 -16.80 -7.95
N ARG A 252 -7.20 -15.50 -7.88
CA ARG A 252 -7.25 -14.68 -9.07
C ARG A 252 -6.24 -15.16 -10.12
N LEU A 253 -5.03 -15.52 -9.68
CA LEU A 253 -4.02 -15.98 -10.62
C LEU A 253 -4.41 -17.34 -11.21
N GLU A 254 -4.89 -18.25 -10.36
CA GLU A 254 -5.24 -19.58 -10.85
C GLU A 254 -6.42 -19.49 -11.84
N THR A 255 -7.40 -18.65 -11.53
CA THR A 255 -8.51 -18.43 -12.45
C THR A 255 -7.97 -17.91 -13.79
N ARG A 256 -7.00 -17.00 -13.74
CA ARG A 256 -6.44 -16.40 -14.94
C ARG A 256 -5.65 -17.42 -15.75
N LEU A 257 -4.79 -18.23 -15.11
CA LEU A 257 -3.99 -19.21 -15.84
C LEU A 257 -4.93 -20.25 -16.50
N ALA A 258 -6.02 -20.61 -15.82
CA ALA A 258 -6.99 -21.55 -16.40
C ALA A 258 -7.66 -20.91 -17.64
N SER A 259 -7.94 -19.62 -17.57
CA SER A 259 -8.65 -18.91 -18.63
CA SER A 259 -8.64 -18.93 -18.65
C SER A 259 -7.74 -18.82 -19.89
N GLU A 260 -6.44 -18.95 -19.69
CA GLU A 260 -5.44 -18.79 -20.79
C GLU A 260 -5.12 -20.11 -21.49
N LYS A 261 -5.55 -21.23 -20.93
CA LYS A 261 -5.27 -22.51 -21.54
C LYS A 261 -5.90 -22.55 -22.94
N ARG A 262 -5.16 -23.14 -23.89
CA ARG A 262 -5.60 -23.22 -25.28
C ARG A 262 -6.89 -24.04 -25.36
#